data_3KTV
#
_entry.id   3KTV
#
_cell.length_a   100.120
_cell.length_b   100.120
_cell.length_c   293.300
_cell.angle_alpha   90.000
_cell.angle_beta   90.000
_cell.angle_gamma   90.000
#
_symmetry.space_group_name_H-M   'P 43 21 2'
#
loop_
_entity.id
_entity.type
_entity.pdbx_description
1 polymer 'SRP RNA'
2 polymer 'Signal recognition particle 19 kDa protein'
3 polymer 'SRP RNA'
4 non-polymer 'POTASSIUM ION'
5 non-polymer 'MAGNESIUM ION'
#
loop_
_entity_poly.entity_id
_entity_poly.type
_entity_poly.pdbx_seq_one_letter_code
_entity_poly.pdbx_strand_id
1 'polyribonucleotide'
;GCGGCAUCAAUAUGGUGACCUCCCGGGAGCGGGGGACCACCAGGUUGCCUAAGGAGGGGUGAACCGGCCCAGGUCGGAAA
CGGAGCAGGUCAAAACUCCCGUGCUGUA
;
A
2 'polypeptide(L)'
;MACAAARSPADQDRFICIYPAYLNNKKTIAEGRRIPISKAVENPTATEIQDVCSAVGLNVFLEKNKMYSREWNRDVQYRG
RVRVQLKQEDGSLCLVQFPSRKSVMLYAAEMIPKLKTRTQLEHHHHHH
;
B,D
3 'polyribonucleotide'
;(GDP)CGGCAUCAAUAUGGUGACCUCCCGGGAGCGGGGGACCACCAGGUUGCCUAAGGAGGGGUGAACCGGCCCAGGUCG
GAAACGGAGCAGGUCAAAACUCCCGUGCUGUA
;
C
#
loop_
_chem_comp.id
_chem_comp.type
_chem_comp.name
_chem_comp.formula
A RNA linking ADENOSINE-5'-MONOPHOSPHATE 'C10 H14 N5 O7 P'
C RNA linking CYTIDINE-5'-MONOPHOSPHATE 'C9 H14 N3 O8 P'
G RNA linking GUANOSINE-5'-MONOPHOSPHATE 'C10 H14 N5 O8 P'
GDP RNA linking GUANOSINE-5'-DIPHOSPHATE 'C10 H15 N5 O11 P2'
K non-polymer 'POTASSIUM ION' 'K 1'
MG non-polymer 'MAGNESIUM ION' 'Mg 2'
U RNA linking URIDINE-5'-MONOPHOSPHATE 'C9 H13 N2 O9 P'
#
# COMPACT_ATOMS: atom_id res chain seq x y z
N ALA B 10 -24.29 -23.90 -4.70
CA ALA B 10 -24.96 -23.14 -5.82
C ALA B 10 -26.19 -22.39 -5.32
N ASP B 11 -26.60 -22.69 -4.10
CA ASP B 11 -27.76 -22.05 -3.49
C ASP B 11 -27.41 -20.64 -3.05
N GLN B 12 -28.21 -19.67 -3.47
CA GLN B 12 -27.97 -18.28 -3.10
C GLN B 12 -27.47 -18.23 -1.67
N ASP B 13 -28.11 -18.99 -0.80
CA ASP B 13 -27.70 -19.07 0.59
C ASP B 13 -26.23 -19.46 0.76
N ARG B 14 -25.58 -19.84 -0.33
CA ARG B 14 -24.19 -20.24 -0.21
C ARG B 14 -23.27 -19.37 -1.04
N PHE B 15 -23.87 -18.39 -1.71
CA PHE B 15 -23.11 -17.32 -2.34
C PHE B 15 -22.16 -16.69 -1.31
N ILE B 16 -20.97 -16.29 -1.76
CA ILE B 16 -20.05 -15.63 -0.86
C ILE B 16 -20.40 -14.17 -0.75
N CYS B 17 -19.80 -13.50 0.23
CA CYS B 17 -20.13 -12.12 0.52
C CYS B 17 -19.00 -11.15 0.19
N ILE B 18 -19.39 -10.01 -0.36
CA ILE B 18 -18.49 -8.90 -0.58
C ILE B 18 -19.13 -7.68 0.08
N TYR B 19 -18.52 -7.17 1.16
CA TYR B 19 -18.93 -5.89 1.70
C TYR B 19 -17.98 -4.85 1.15
N PRO B 20 -18.50 -3.70 0.73
CA PRO B 20 -17.58 -2.70 0.20
C PRO B 20 -16.40 -2.44 1.14
N ALA B 21 -16.66 -2.38 2.45
CA ALA B 21 -15.61 -2.11 3.41
C ALA B 21 -14.36 -2.94 3.15
N TYR B 22 -14.53 -4.15 2.64
CA TYR B 22 -13.39 -5.01 2.27
C TYR B 22 -12.41 -4.25 1.39
N LEU B 23 -12.96 -3.42 0.50
CA LEU B 23 -12.23 -2.79 -0.59
C LEU B 23 -11.79 -1.36 -0.32
N ASN B 24 -12.28 -0.79 0.77
CA ASN B 24 -12.11 0.65 0.99
C ASN B 24 -10.71 1.04 1.44
N ASN B 25 -9.95 1.62 0.52
CA ASN B 25 -8.62 2.10 0.87
C ASN B 25 -8.69 3.03 2.08
N LYS B 26 -9.89 3.56 2.35
CA LYS B 26 -10.05 4.55 3.40
C LYS B 26 -10.20 3.93 4.80
N LYS B 27 -10.28 2.60 4.84
CA LYS B 27 -10.49 1.93 6.11
C LYS B 27 -9.27 1.12 6.51
N THR B 28 -8.98 1.10 7.81
CA THR B 28 -7.89 0.30 8.36
C THR B 28 -8.19 -1.18 8.25
N ILE B 29 -7.21 -1.99 8.59
CA ILE B 29 -7.46 -3.40 8.68
C ILE B 29 -8.68 -3.62 9.57
N ALA B 30 -8.61 -3.07 10.78
CA ALA B 30 -9.62 -3.37 11.80
C ALA B 30 -10.98 -2.76 11.49
N GLU B 31 -11.01 -1.77 10.61
CA GLU B 31 -12.26 -1.26 10.11
C GLU B 31 -12.80 -2.17 9.01
N GLY B 32 -11.99 -3.15 8.61
CA GLY B 32 -12.44 -4.23 7.72
C GLY B 32 -11.77 -4.39 6.37
N ARG B 33 -10.67 -3.69 6.15
CA ARG B 33 -10.03 -3.69 4.82
C ARG B 33 -9.45 -5.05 4.48
N ARG B 34 -9.76 -5.54 3.29
CA ARG B 34 -9.40 -6.91 2.94
C ARG B 34 -8.22 -7.02 1.98
N ILE B 35 -7.98 -5.95 1.22
CA ILE B 35 -6.93 -5.98 0.22
C ILE B 35 -5.90 -4.86 0.47
N PRO B 36 -4.69 -5.02 -0.08
CA PRO B 36 -3.65 -4.04 0.19
C PRO B 36 -3.99 -2.69 -0.38
N ILE B 37 -3.71 -1.63 0.38
CA ILE B 37 -3.95 -0.26 -0.06
C ILE B 37 -3.47 0.02 -1.47
N SER B 38 -2.31 -0.56 -1.81
CA SER B 38 -1.81 -0.44 -3.17
C SER B 38 -2.87 -0.89 -4.17
N LYS B 39 -3.80 -1.73 -3.74
CA LYS B 39 -4.91 -2.07 -4.62
C LYS B 39 -6.26 -1.58 -4.16
N ALA B 40 -6.42 -1.33 -2.86
CA ALA B 40 -7.69 -0.84 -2.35
C ALA B 40 -8.20 0.38 -3.10
N VAL B 41 -9.43 0.79 -2.79
CA VAL B 41 -10.08 1.85 -3.53
C VAL B 41 -10.90 2.77 -2.66
N GLU B 42 -11.07 4.01 -3.11
CA GLU B 42 -11.73 5.04 -2.33
C GLU B 42 -13.23 4.94 -2.33
N ASN B 43 -13.80 4.45 -1.23
CA ASN B 43 -15.25 4.51 -1.03
C ASN B 43 -16.11 3.86 -2.13
N PRO B 44 -15.79 2.62 -2.47
CA PRO B 44 -16.56 1.86 -3.43
C PRO B 44 -17.93 1.52 -2.85
N THR B 45 -18.93 1.42 -3.72
CA THR B 45 -20.29 1.10 -3.30
C THR B 45 -20.65 -0.29 -3.77
N ALA B 46 -21.50 -0.96 -3.00
CA ALA B 46 -21.98 -2.28 -3.38
C ALA B 46 -22.33 -2.28 -4.85
N THR B 47 -23.21 -1.37 -5.25
CA THR B 47 -23.66 -1.29 -6.63
C THR B 47 -22.51 -1.48 -7.59
N GLU B 48 -21.52 -0.61 -7.49
CA GLU B 48 -20.32 -0.75 -8.27
C GLU B 48 -19.87 -2.20 -8.20
N ILE B 49 -19.48 -2.64 -7.01
CA ILE B 49 -18.99 -4.01 -6.84
C ILE B 49 -19.72 -5.05 -7.68
N GLN B 50 -21.04 -5.03 -7.64
CA GLN B 50 -21.81 -6.01 -8.40
C GLN B 50 -21.74 -5.66 -9.86
N ASP B 51 -21.79 -4.37 -10.15
CA ASP B 51 -21.77 -3.88 -11.51
C ASP B 51 -20.54 -4.30 -12.28
N VAL B 52 -19.46 -4.57 -11.58
CA VAL B 52 -18.27 -5.04 -12.26
C VAL B 52 -18.38 -6.54 -12.37
N CYS B 53 -18.73 -7.19 -11.26
CA CYS B 53 -18.77 -8.65 -11.22
C CYS B 53 -19.70 -9.20 -12.28
N SER B 54 -20.93 -8.71 -12.27
CA SER B 54 -21.94 -9.21 -13.19
C SER B 54 -21.42 -9.21 -14.62
N ALA B 55 -20.86 -8.07 -15.03
CA ALA B 55 -20.37 -7.92 -16.39
C ALA B 55 -18.99 -8.57 -16.56
N VAL B 56 -18.81 -9.70 -15.91
CA VAL B 56 -17.61 -10.49 -16.05
C VAL B 56 -18.02 -11.92 -16.25
N GLY B 57 -19.34 -12.12 -16.24
CA GLY B 57 -19.90 -13.45 -16.40
C GLY B 57 -20.09 -14.14 -15.06
N LEU B 58 -19.89 -13.39 -13.97
CA LEU B 58 -20.14 -13.95 -12.66
C LEU B 58 -21.63 -13.93 -12.32
N ASN B 59 -22.02 -14.81 -11.40
CA ASN B 59 -23.38 -14.76 -10.84
C ASN B 59 -23.41 -13.96 -9.55
N VAL B 60 -24.15 -12.87 -9.55
CA VAL B 60 -24.11 -12.00 -8.38
C VAL B 60 -25.31 -11.08 -8.21
N PHE B 61 -25.82 -10.99 -6.98
CA PHE B 61 -26.97 -10.15 -6.69
C PHE B 61 -26.73 -9.22 -5.50
N LEU B 62 -27.54 -8.17 -5.41
CA LEU B 62 -27.35 -7.14 -4.39
C LEU B 62 -28.30 -7.19 -3.19
N GLU B 63 -27.71 -7.13 -1.99
CA GLU B 63 -28.49 -6.96 -0.76
C GLU B 63 -28.37 -5.51 -0.29
N LYS B 64 -28.78 -4.61 -1.18
CA LYS B 64 -28.80 -3.16 -0.96
C LYS B 64 -29.07 -2.72 0.47
N ASN B 65 -29.52 -3.64 1.32
CA ASN B 65 -30.02 -3.23 2.63
C ASN B 65 -29.25 -3.78 3.83
N LYS B 66 -28.54 -4.88 3.62
CA LYS B 66 -27.60 -5.36 4.63
C LYS B 66 -26.74 -4.18 5.12
N MET B 67 -25.96 -4.38 6.19
CA MET B 67 -25.02 -3.35 6.68
C MET B 67 -23.86 -3.95 7.43
N TYR B 68 -22.66 -3.80 6.87
CA TYR B 68 -21.48 -4.43 7.46
C TYR B 68 -21.46 -4.11 8.94
N SER B 69 -21.08 -5.07 9.75
CA SER B 69 -20.97 -4.79 11.17
C SER B 69 -20.08 -3.56 11.38
N ARG B 70 -18.82 -3.69 11.01
CA ARG B 70 -17.80 -2.72 11.41
C ARG B 70 -17.99 -1.31 10.82
N GLU B 71 -19.22 -0.81 10.74
CA GLU B 71 -19.40 0.44 10.00
C GLU B 71 -20.36 1.44 10.61
N TRP B 72 -19.92 2.08 11.67
CA TRP B 72 -20.78 2.99 12.41
C TRP B 72 -21.64 3.90 11.55
N ASN B 73 -21.08 4.41 10.45
CA ASN B 73 -21.85 5.34 9.62
C ASN B 73 -23.03 4.66 8.99
N ARG B 74 -24.19 5.33 8.99
CA ARG B 74 -25.39 4.72 8.47
C ARG B 74 -25.77 5.29 7.11
N ASP B 75 -24.82 5.96 6.46
CA ASP B 75 -25.10 6.55 5.18
C ASP B 75 -25.17 5.48 4.12
N VAL B 76 -25.97 5.72 3.08
CA VAL B 76 -26.20 4.73 2.04
C VAL B 76 -24.91 4.41 1.27
N GLN B 77 -24.36 5.42 0.62
CA GLN B 77 -23.11 5.22 -0.09
C GLN B 77 -22.30 4.15 0.61
N TYR B 78 -22.47 4.08 1.94
CA TYR B 78 -21.65 3.22 2.77
C TYR B 78 -22.27 1.87 3.06
N ARG B 79 -23.31 1.47 2.31
CA ARG B 79 -23.98 0.22 2.67
C ARG B 79 -24.43 -0.64 1.49
N GLY B 80 -24.89 -1.84 1.82
CA GLY B 80 -25.26 -2.88 0.85
C GLY B 80 -24.24 -3.99 0.92
N ARG B 81 -24.64 -5.20 0.57
CA ARG B 81 -23.69 -6.31 0.45
C ARG B 81 -23.84 -6.92 -0.93
N VAL B 82 -22.80 -7.63 -1.40
CA VAL B 82 -22.88 -8.22 -2.73
C VAL B 82 -22.60 -9.71 -2.67
N ARG B 83 -23.50 -10.49 -3.26
CA ARG B 83 -23.39 -11.94 -3.19
C ARG B 83 -22.89 -12.51 -4.49
N VAL B 84 -21.84 -13.32 -4.43
CA VAL B 84 -21.31 -13.91 -5.66
C VAL B 84 -21.07 -15.41 -5.57
N GLN B 85 -21.66 -16.13 -6.52
CA GLN B 85 -21.46 -17.57 -6.65
C GLN B 85 -20.16 -17.86 -7.38
N LEU B 86 -19.30 -18.65 -6.75
CA LEU B 86 -18.10 -19.13 -7.39
C LEU B 86 -18.37 -20.48 -8.05
N LYS B 87 -18.42 -21.52 -7.23
CA LYS B 87 -18.49 -22.90 -7.67
C LYS B 87 -19.90 -23.30 -8.11
N GLN B 88 -19.98 -24.39 -8.85
CA GLN B 88 -21.24 -24.86 -9.43
C GLN B 88 -21.78 -26.01 -8.60
N GLU B 89 -22.93 -25.81 -7.96
CA GLU B 89 -23.50 -26.80 -7.05
C GLU B 89 -22.72 -28.10 -7.17
N ASP B 90 -22.48 -28.53 -8.40
CA ASP B 90 -21.67 -29.72 -8.66
C ASP B 90 -20.27 -29.57 -8.03
N GLY B 91 -19.63 -28.43 -8.23
CA GLY B 91 -18.35 -28.15 -7.57
C GLY B 91 -17.34 -27.34 -8.37
N SER B 92 -17.66 -27.06 -9.62
CA SER B 92 -16.75 -26.30 -10.46
C SER B 92 -16.96 -24.82 -10.26
N LEU B 93 -15.88 -24.06 -10.30
CA LEU B 93 -15.97 -22.61 -10.27
C LEU B 93 -16.72 -22.16 -11.50
N CYS B 94 -17.52 -21.11 -11.37
CA CYS B 94 -18.23 -20.58 -12.52
C CYS B 94 -17.29 -19.92 -13.51
N LEU B 95 -16.08 -19.57 -13.06
CA LEU B 95 -15.06 -19.01 -13.97
C LEU B 95 -13.64 -19.25 -13.46
N VAL B 96 -12.91 -20.12 -14.15
CA VAL B 96 -11.55 -20.46 -13.76
C VAL B 96 -10.83 -19.33 -13.02
N GLN B 97 -11.20 -18.09 -13.34
CA GLN B 97 -10.42 -16.92 -12.92
C GLN B 97 -10.75 -16.38 -11.54
N PHE B 98 -11.77 -16.96 -10.91
CA PHE B 98 -12.19 -16.52 -9.60
C PHE B 98 -12.36 -17.69 -8.67
N PRO B 99 -11.25 -18.25 -8.22
CA PRO B 99 -11.30 -19.31 -7.23
C PRO B 99 -11.62 -18.71 -5.87
N SER B 100 -10.65 -17.95 -5.38
CA SER B 100 -10.72 -17.34 -4.07
C SER B 100 -11.75 -16.24 -4.02
N ARG B 101 -12.26 -15.93 -2.84
CA ARG B 101 -13.04 -14.73 -2.71
C ARG B 101 -12.07 -13.61 -2.96
N LYS B 102 -10.84 -13.83 -2.51
CA LYS B 102 -9.77 -12.85 -2.63
C LYS B 102 -9.59 -12.42 -4.09
N SER B 103 -9.63 -13.39 -5.00
CA SER B 103 -9.56 -13.09 -6.42
C SER B 103 -10.63 -12.08 -6.84
N VAL B 104 -11.88 -12.38 -6.50
CA VAL B 104 -12.98 -11.44 -6.74
C VAL B 104 -12.63 -10.03 -6.26
N MET B 105 -12.25 -9.95 -4.98
CA MET B 105 -11.97 -8.67 -4.33
C MET B 105 -10.93 -7.88 -5.05
N LEU B 106 -9.84 -8.53 -5.44
CA LEU B 106 -8.80 -7.85 -6.18
C LEU B 106 -9.30 -7.42 -7.54
N TYR B 107 -10.14 -8.24 -8.15
CA TYR B 107 -10.70 -7.85 -9.44
C TYR B 107 -11.57 -6.61 -9.30
N ALA B 108 -12.69 -6.75 -8.59
CA ALA B 108 -13.59 -5.63 -8.33
C ALA B 108 -12.79 -4.37 -8.07
N ALA B 109 -11.83 -4.50 -7.17
CA ALA B 109 -10.96 -3.40 -6.77
C ALA B 109 -10.24 -2.77 -7.95
N GLU B 110 -10.02 -3.52 -9.02
CA GLU B 110 -9.27 -2.98 -10.13
C GLU B 110 -10.12 -2.51 -11.31
N MET B 111 -11.37 -2.94 -11.39
CA MET B 111 -12.18 -2.56 -12.53
C MET B 111 -13.00 -1.32 -12.26
N ILE B 112 -13.30 -1.07 -10.99
CA ILE B 112 -14.19 0.00 -10.57
C ILE B 112 -13.67 1.38 -10.96
N PRO B 113 -12.36 1.54 -10.81
CA PRO B 113 -11.67 2.77 -11.15
C PRO B 113 -11.97 3.12 -12.58
N LYS B 114 -12.65 2.21 -13.28
CA LYS B 114 -12.78 2.33 -14.73
C LYS B 114 -14.19 2.66 -15.20
N LEU B 115 -15.18 1.95 -14.67
CA LEU B 115 -16.54 2.21 -15.07
C LEU B 115 -16.61 3.46 -15.97
PB GDP C 1 -26.70 -3.82 -50.87
O1B GDP C 1 -26.49 -5.20 -50.28
O2B GDP C 1 -27.29 -2.90 -49.81
O3B GDP C 1 -25.36 -3.26 -51.30
O3A GDP C 1 -27.69 -3.93 -52.13
PA GDP C 1 -27.17 -3.76 -53.65
O1A GDP C 1 -27.87 -4.74 -54.57
O2A GDP C 1 -25.67 -3.96 -53.74
O5' GDP C 1 -27.57 -2.25 -54.02
C5' GDP C 1 -26.98 -1.58 -55.14
C4' GDP C 1 -27.81 -0.34 -55.53
O4' GDP C 1 -29.18 -0.51 -55.16
C3' GDP C 1 -27.31 0.90 -54.81
O3' GDP C 1 -27.35 2.02 -55.71
C2' GDP C 1 -28.30 1.13 -53.68
O2' GDP C 1 -28.55 2.52 -53.50
C1' GDP C 1 -29.56 0.37 -54.10
N9 GDP C 1 -30.03 -0.43 -52.95
C8 GDP C 1 -29.69 -1.70 -52.69
N7 GDP C 1 -30.28 -2.17 -51.56
C5 GDP C 1 -31.02 -1.14 -51.06
C6 GDP C 1 -31.89 -0.95 -49.88
O6 GDP C 1 -32.08 -1.88 -49.06
N1 GDP C 1 -32.47 0.25 -49.73
C2 GDP C 1 -32.28 1.26 -50.60
N2 GDP C 1 -32.90 2.43 -50.37
N3 GDP C 1 -31.49 1.15 -51.70
C4 GDP C 1 -30.85 -0.01 -51.98
N SER D 8 35.79 0.82 5.98
CA SER D 8 35.14 0.29 7.22
C SER D 8 33.64 0.55 7.22
N PRO D 9 32.96 0.10 8.28
CA PRO D 9 31.56 0.45 8.54
C PRO D 9 31.49 1.91 8.99
N ALA D 10 32.57 2.38 9.59
CA ALA D 10 32.63 3.74 10.07
C ALA D 10 33.11 4.68 8.98
N ASP D 11 33.29 4.15 7.77
CA ASP D 11 33.80 4.98 6.66
C ASP D 11 32.69 5.53 5.76
N GLN D 12 32.68 6.85 5.61
CA GLN D 12 31.59 7.55 4.96
C GLN D 12 31.37 7.05 3.56
N ASP D 13 32.34 6.29 3.04
CA ASP D 13 32.22 5.76 1.69
C ASP D 13 31.53 4.41 1.73
N ARG D 14 31.33 3.92 2.94
CA ARG D 14 30.59 2.68 3.14
C ARG D 14 29.15 2.96 3.54
N PHE D 15 28.95 3.95 4.41
CA PHE D 15 27.59 4.43 4.72
C PHE D 15 26.61 4.09 3.60
N ILE D 16 25.40 3.68 3.95
CA ILE D 16 24.42 3.28 2.94
C ILE D 16 23.71 4.47 2.29
N CYS D 17 22.97 4.16 1.22
CA CYS D 17 22.28 5.21 0.47
C CYS D 17 20.76 5.11 0.60
N ILE D 18 20.11 6.27 0.71
CA ILE D 18 18.65 6.35 0.74
C ILE D 18 18.16 7.42 -0.22
N TYR D 19 17.66 7.02 -1.38
CA TYR D 19 17.19 7.95 -2.39
C TYR D 19 15.73 8.27 -2.22
N PRO D 20 15.40 9.55 -2.07
CA PRO D 20 14.00 9.93 -1.91
C PRO D 20 13.05 9.07 -2.77
N ALA D 21 13.42 8.85 -4.02
CA ALA D 21 12.68 7.90 -4.81
C ALA D 21 12.33 6.72 -3.92
N TYR D 22 13.28 6.25 -3.14
CA TYR D 22 13.06 5.07 -2.32
C TYR D 22 11.73 5.11 -1.58
N LEU D 23 11.40 6.28 -1.05
CA LEU D 23 10.27 6.44 -0.13
C LEU D 23 9.05 7.16 -0.71
N ASN D 24 9.13 7.50 -1.99
CA ASN D 24 8.10 8.31 -2.61
C ASN D 24 6.92 7.49 -3.04
N ASN D 25 5.82 7.59 -2.31
CA ASN D 25 4.65 6.82 -2.68
C ASN D 25 4.21 7.11 -4.12
N LYS D 26 4.59 8.27 -4.66
CA LYS D 26 4.12 8.68 -5.99
C LYS D 26 4.90 8.07 -7.13
N LYS D 27 5.84 7.18 -6.80
CA LYS D 27 6.64 6.48 -7.80
C LYS D 27 6.37 4.97 -7.77
N THR D 28 6.53 4.32 -8.93
CA THR D 28 6.30 2.90 -9.04
C THR D 28 7.51 2.12 -8.58
N ILE D 29 7.38 0.82 -8.66
CA ILE D 29 8.49 -0.05 -8.40
C ILE D 29 9.61 0.30 -9.37
N ALA D 30 9.29 0.15 -10.65
CA ALA D 30 10.24 0.42 -11.72
C ALA D 30 10.78 1.84 -11.62
N GLU D 31 10.07 2.67 -10.87
CA GLU D 31 10.47 4.07 -10.70
C GLU D 31 11.38 4.27 -9.48
N GLY D 32 11.55 3.21 -8.70
CA GLY D 32 12.50 3.22 -7.59
C GLY D 32 11.95 3.05 -6.17
N ARG D 33 10.64 2.83 -6.05
CA ARG D 33 10.06 2.65 -4.73
C ARG D 33 10.54 1.37 -4.08
N ARG D 34 10.84 1.44 -2.79
CA ARG D 34 11.48 0.32 -2.11
C ARG D 34 10.64 -0.16 -0.95
N ILE D 35 9.56 0.57 -0.66
CA ILE D 35 8.69 0.22 0.44
C ILE D 35 7.23 0.30 0.00
N PRO D 36 6.33 -0.25 0.81
CA PRO D 36 4.93 -0.44 0.44
C PRO D 36 4.21 0.88 0.41
N ILE D 37 3.62 1.19 -0.74
CA ILE D 37 2.82 2.39 -0.82
C ILE D 37 2.24 2.62 0.57
N SER D 38 1.62 1.57 1.12
CA SER D 38 0.99 1.67 2.42
C SER D 38 1.82 2.47 3.40
N LYS D 39 3.11 2.22 3.45
CA LYS D 39 3.96 3.00 4.33
C LYS D 39 4.71 4.10 3.59
N ALA D 40 4.57 4.13 2.26
CA ALA D 40 5.23 5.14 1.43
C ALA D 40 4.67 6.54 1.69
N VAL D 41 5.30 7.58 1.14
CA VAL D 41 4.88 8.94 1.45
C VAL D 41 4.87 9.88 0.27
N GLU D 42 4.19 11.01 0.45
CA GLU D 42 3.95 11.97 -0.64
C GLU D 42 5.12 12.89 -0.99
N ASN D 43 6.12 12.36 -1.68
CA ASN D 43 7.23 13.22 -2.09
C ASN D 43 8.16 13.61 -0.95
N PRO D 44 8.65 12.62 -0.19
CA PRO D 44 9.64 12.98 0.79
C PRO D 44 10.77 13.67 0.07
N THR D 45 11.53 14.48 0.80
CA THR D 45 12.71 15.11 0.23
C THR D 45 13.95 14.70 0.99
N ALA D 46 15.10 14.82 0.34
CA ALA D 46 16.36 14.39 0.92
C ALA D 46 16.51 14.96 2.32
N THR D 47 16.61 16.29 2.38
CA THR D 47 16.66 17.01 3.63
C THR D 47 15.81 16.33 4.69
N GLU D 48 14.49 16.35 4.49
CA GLU D 48 13.56 15.68 5.39
C GLU D 48 14.12 14.37 5.85
N ILE D 49 14.40 13.49 4.89
CA ILE D 49 14.99 12.18 5.19
C ILE D 49 16.10 12.24 6.23
N GLN D 50 17.10 13.08 5.99
CA GLN D 50 18.18 13.25 6.95
C GLN D 50 17.63 13.67 8.29
N ASP D 51 17.06 14.87 8.30
CA ASP D 51 16.58 15.47 9.53
C ASP D 51 16.02 14.47 10.51
N VAL D 52 15.23 13.53 10.02
CA VAL D 52 14.55 12.62 10.92
C VAL D 52 15.44 11.47 11.30
N CYS D 53 16.51 11.28 10.55
CA CYS D 53 17.44 10.22 10.88
C CYS D 53 18.32 10.67 12.03
N SER D 54 18.94 11.83 11.88
CA SER D 54 19.84 12.34 12.91
C SER D 54 19.07 12.36 14.21
N ALA D 55 17.92 13.03 14.18
CA ALA D 55 17.10 13.16 15.35
C ALA D 55 16.63 11.80 15.83
N VAL D 56 17.53 10.83 15.82
CA VAL D 56 17.23 9.53 16.38
C VAL D 56 18.55 8.90 16.70
N GLY D 57 19.59 9.70 16.56
CA GLY D 57 20.92 9.26 16.93
C GLY D 57 21.61 8.52 15.79
N LEU D 58 21.15 8.77 14.57
CA LEU D 58 21.79 8.16 13.44
C LEU D 58 22.89 9.04 12.85
N ASN D 59 23.99 8.38 12.50
CA ASN D 59 25.10 9.00 11.77
C ASN D 59 24.73 9.13 10.31
N VAL D 60 24.63 10.35 9.83
CA VAL D 60 23.99 10.54 8.54
C VAL D 60 24.22 11.95 8.00
N PHE D 61 24.83 12.06 6.81
CA PHE D 61 25.07 13.35 6.18
C PHE D 61 24.45 13.41 4.80
N LEU D 62 24.08 14.61 4.37
CA LEU D 62 23.33 14.79 3.11
C LEU D 62 24.17 15.17 1.88
N GLU D 63 24.08 14.37 0.83
CA GLU D 63 24.79 14.67 -0.40
C GLU D 63 23.90 15.49 -1.34
N LYS D 64 23.55 16.67 -0.85
CA LYS D 64 22.65 17.60 -1.51
C LYS D 64 22.50 17.49 -3.03
N ASN D 65 23.57 17.21 -3.74
CA ASN D 65 23.51 17.40 -5.18
C ASN D 65 23.41 16.15 -6.00
N LYS D 66 23.76 15.01 -5.41
CA LYS D 66 23.54 13.74 -6.09
C LYS D 66 22.12 13.75 -6.68
N MET D 67 21.92 12.97 -7.74
CA MET D 67 20.60 12.80 -8.32
C MET D 67 20.34 11.32 -8.50
N TYR D 68 19.07 10.92 -8.48
CA TYR D 68 18.75 9.51 -8.68
C TYR D 68 18.71 9.17 -10.17
N SER D 69 19.33 8.05 -10.51
CA SER D 69 19.43 7.69 -11.90
C SER D 69 18.05 7.81 -12.53
N ARG D 70 17.11 6.98 -12.06
CA ARG D 70 15.80 6.83 -12.71
C ARG D 70 14.91 8.07 -12.58
N GLU D 71 15.50 9.22 -12.30
CA GLU D 71 14.72 10.41 -11.96
C GLU D 71 14.67 11.45 -13.06
N TRP D 72 14.02 11.13 -14.16
CA TRP D 72 13.95 12.04 -15.29
C TRP D 72 13.87 13.50 -14.89
N ASN D 73 13.11 13.82 -13.85
CA ASN D 73 12.94 15.22 -13.46
C ASN D 73 14.14 15.80 -12.74
N ARG D 74 14.50 17.04 -13.07
CA ARG D 74 15.74 17.63 -12.54
C ARG D 74 15.50 18.52 -11.30
N ASP D 75 14.23 18.76 -11.01
CA ASP D 75 13.79 19.66 -9.94
C ASP D 75 14.44 19.37 -8.60
N VAL D 76 14.92 20.42 -7.93
CA VAL D 76 15.46 20.23 -6.60
C VAL D 76 14.61 19.26 -5.80
N GLN D 77 13.45 19.72 -5.38
CA GLN D 77 12.59 18.90 -4.56
C GLN D 77 12.85 17.44 -4.86
N TYR D 78 13.36 17.16 -6.05
CA TYR D 78 13.41 15.78 -6.51
C TYR D 78 14.79 15.15 -6.43
N ARG D 79 15.75 15.85 -5.83
CA ARG D 79 17.12 15.36 -5.87
C ARG D 79 17.91 15.49 -4.58
N GLY D 80 19.05 14.80 -4.54
CA GLY D 80 19.88 14.72 -3.36
C GLY D 80 20.00 13.27 -2.95
N ARG D 81 20.79 13.02 -1.90
CA ARG D 81 20.95 11.66 -1.39
C ARG D 81 21.41 11.67 0.06
N VAL D 82 20.89 10.75 0.86
CA VAL D 82 21.28 10.68 2.26
C VAL D 82 22.11 9.44 2.58
N ARG D 83 23.06 9.61 3.49
CA ARG D 83 24.00 8.56 3.84
C ARG D 83 23.96 8.27 5.33
N VAL D 84 23.66 7.03 5.67
CA VAL D 84 23.55 6.70 7.08
C VAL D 84 24.54 5.62 7.49
N GLN D 85 25.18 5.82 8.64
CA GLN D 85 26.04 4.81 9.20
C GLN D 85 25.24 3.74 9.91
N LEU D 86 25.27 2.53 9.38
CA LEU D 86 24.64 1.41 10.04
C LEU D 86 25.55 0.80 11.10
N LYS D 87 26.72 0.32 10.67
CA LYS D 87 27.57 -0.51 11.52
C LYS D 87 28.81 0.22 12.03
N GLN D 88 29.39 -0.30 13.12
CA GLN D 88 30.58 0.28 13.73
C GLN D 88 31.84 -0.40 13.23
N GLU D 89 32.78 0.37 12.66
CA GLU D 89 33.96 -0.22 12.04
C GLU D 89 34.23 -1.63 12.56
N ASP D 90 33.99 -1.81 13.86
CA ASP D 90 34.04 -3.13 14.48
C ASP D 90 32.93 -4.03 13.91
N GLY D 91 31.90 -3.40 13.35
CA GLY D 91 30.77 -4.11 12.78
C GLY D 91 29.50 -3.98 13.60
N SER D 92 29.65 -3.50 14.82
CA SER D 92 28.51 -3.37 15.71
C SER D 92 27.47 -2.47 15.06
N LEU D 93 26.20 -2.82 15.19
CA LEU D 93 25.14 -1.93 14.70
C LEU D 93 25.03 -0.75 15.66
N CYS D 94 25.09 0.46 15.13
CA CYS D 94 25.06 1.64 15.98
C CYS D 94 23.79 1.74 16.84
N LEU D 95 22.63 1.39 16.27
CA LEU D 95 21.37 1.38 17.03
C LEU D 95 20.56 0.13 16.76
N VAL D 96 20.72 -0.88 17.61
CA VAL D 96 20.04 -2.17 17.47
C VAL D 96 18.80 -2.15 16.55
N GLN D 97 18.11 -1.02 16.55
CA GLN D 97 16.82 -0.90 15.86
C GLN D 97 16.91 -0.75 14.34
N PHE D 98 18.09 -0.45 13.83
CA PHE D 98 18.27 -0.26 12.40
C PHE D 98 19.25 -1.27 11.80
N PRO D 99 18.81 -2.53 11.74
CA PRO D 99 19.56 -3.63 11.19
C PRO D 99 19.78 -3.44 9.70
N SER D 100 18.68 -3.33 8.97
CA SER D 100 18.75 -3.26 7.51
C SER D 100 18.68 -1.83 6.99
N ARG D 101 18.73 -1.68 5.67
CA ARG D 101 18.49 -0.41 5.02
C ARG D 101 16.98 -0.13 5.06
N LYS D 102 16.20 -1.16 4.78
CA LYS D 102 14.75 -1.07 4.87
C LYS D 102 14.41 -0.47 6.21
N SER D 103 14.98 -1.06 7.25
CA SER D 103 14.78 -0.57 8.59
C SER D 103 14.76 0.95 8.60
N VAL D 104 15.77 1.57 8.00
CA VAL D 104 15.82 3.04 7.97
C VAL D 104 14.67 3.54 7.15
N MET D 105 14.62 3.11 5.89
CA MET D 105 13.58 3.55 4.99
C MET D 105 12.23 3.58 5.69
N LEU D 106 11.80 2.45 6.22
CA LEU D 106 10.51 2.38 6.89
C LEU D 106 10.37 3.41 7.99
N TYR D 107 11.32 3.40 8.92
CA TYR D 107 11.30 4.38 9.98
C TYR D 107 11.06 5.75 9.36
N ALA D 108 11.97 6.23 8.51
CA ALA D 108 11.85 7.56 7.95
C ALA D 108 10.51 7.75 7.28
N ALA D 109 10.00 6.67 6.68
CA ALA D 109 8.73 6.75 5.99
C ALA D 109 7.63 7.25 6.93
N GLU D 110 7.75 6.94 8.21
CA GLU D 110 6.67 7.19 9.17
C GLU D 110 6.87 8.42 10.04
N MET D 111 8.04 9.05 9.97
CA MET D 111 8.33 10.22 10.80
C MET D 111 8.11 11.50 10.02
N ILE D 112 8.58 11.53 8.78
CA ILE D 112 8.45 12.73 7.99
C ILE D 112 7.06 13.32 8.11
N PRO D 113 6.04 12.56 7.69
CA PRO D 113 4.76 13.23 7.70
C PRO D 113 4.64 13.96 9.03
N LYS D 114 5.62 13.70 9.90
CA LYS D 114 5.52 14.12 11.29
C LYS D 114 6.31 15.36 11.62
N LEU D 115 7.50 15.50 11.06
CA LEU D 115 8.28 16.70 11.31
C LEU D 115 7.38 17.77 11.93
K K E . -30.05 -10.97 22.09
MG MG F . 0.17 -11.91 12.27
K K G . 31.15 5.63 -21.11
MG MG H . 27.88 9.67 -25.35
MG MG I . 5.15 -11.32 -13.42
K K J . 28.90 5.13 16.42
#